data_6Z25
#
_entry.id   6Z25
#
_cell.length_a   60.230
_cell.length_b   77.265
_cell.length_c   55.741
_cell.angle_alpha   90.000
_cell.angle_beta   90.000
_cell.angle_gamma   90.000
#
_symmetry.space_group_name_H-M   'P 21 21 2'
#
loop_
_entity.id
_entity.type
_entity.pdbx_description
1 polymer Beta-lactamase
2 non-polymer GLYCEROL
3 non-polymer 'ACYLATED CEFTAZIDIME'
4 non-polymer 'SULFATE ION'
5 water water
#
_entity_poly.entity_id   1
_entity_poly.type   'polypeptide(L)'
_entity_poly.pdbx_seq_one_letter_code
;MGSSHHHHHHSSGLVPRGSHMLTNLVAEPFAKLEQDFGGSIGVYAMDTGSGATVSYRAEERFPLCSSFKGFLAAAVLARS
QQQAGLLDTPIRYGKNALVRWSPISEKYLTTGMTVAELSAAAVQYSDNAAANLLLKELGGPAGLTAFMRSIGDTTFRLDR
WQLELNSAIPGDARDTSSPRAVTESLQKLTLGSALAAPQRQQFVDWLKGNTTGNHRIRAAVPADWAVGDKTGTCGGYGTA
NDYAVVWPTGRAPIVLAVYTRAPNKDDKHSEAVIAAAARLALEGLGVNGQ
;
_entity_poly.pdbx_strand_id   A
#
loop_
_chem_comp.id
_chem_comp.type
_chem_comp.name
_chem_comp.formula
CAZ non-polymer 'ACYLATED CEFTAZIDIME' 'C17 H19 N5 O7 S2'
GOL non-polymer GLYCEROL 'C3 H8 O3'
SO4 non-polymer 'SULFATE ION' 'O4 S -2'
#
# COMPACT_ATOMS: atom_id res chain seq x y z
N HIS A 20 -14.24 -19.25 -7.47
CA HIS A 20 -13.18 -20.23 -7.68
C HIS A 20 -12.97 -20.44 -9.18
N MET A 21 -14.08 -20.35 -9.91
CA MET A 21 -14.12 -20.60 -11.35
C MET A 21 -12.98 -19.92 -12.11
N LEU A 22 -12.67 -18.67 -11.78
CA LEU A 22 -11.65 -17.92 -12.49
C LEU A 22 -10.40 -17.67 -11.66
N THR A 23 -10.24 -18.39 -10.54
CA THR A 23 -9.08 -18.21 -9.68
C THR A 23 -8.01 -19.25 -10.05
N ASN A 24 -6.79 -18.78 -10.27
CA ASN A 24 -5.65 -19.68 -10.51
C ASN A 24 -5.91 -20.63 -11.68
N LEU A 25 -6.42 -20.08 -12.77
CA LEU A 25 -6.62 -20.89 -13.97
C LEU A 25 -5.31 -21.46 -14.49
N VAL A 26 -4.21 -20.75 -14.25
CA VAL A 26 -2.87 -21.15 -14.70
C VAL A 26 -1.95 -21.14 -13.49
N ALA A 27 -1.35 -22.29 -13.18
CA ALA A 27 -0.48 -22.42 -12.03
C ALA A 27 0.85 -21.71 -12.27
N GLU A 28 1.41 -21.14 -11.20
CA GLU A 28 2.66 -20.42 -11.22
C GLU A 28 3.51 -20.83 -10.02
N PRO A 29 4.84 -20.83 -10.17
CA PRO A 29 5.74 -21.42 -9.14
C PRO A 29 6.01 -20.50 -7.96
N PHE A 30 4.93 -20.09 -7.28
CA PHE A 30 5.08 -19.29 -6.07
C PHE A 30 5.80 -20.06 -4.96
N ALA A 31 5.53 -21.36 -4.83
CA ALA A 31 6.13 -22.12 -3.75
C ALA A 31 7.66 -22.16 -3.86
N LYS A 32 8.18 -22.40 -5.06
CA LYS A 32 9.64 -22.36 -5.26
C LYS A 32 10.18 -20.99 -4.94
N LEU A 33 9.49 -19.94 -5.41
CA LEU A 33 9.95 -18.59 -5.15
C LEU A 33 10.06 -18.32 -3.65
N GLU A 34 9.03 -18.71 -2.88
CA GLU A 34 9.09 -18.42 -1.45
C GLU A 34 10.09 -19.32 -0.75
N GLN A 35 10.27 -20.54 -1.26
CA GLN A 35 11.28 -21.43 -0.67
C GLN A 35 12.68 -20.90 -0.90
N ASP A 36 12.96 -20.36 -2.10
CA ASP A 36 14.24 -19.71 -2.34
C ASP A 36 14.41 -18.48 -1.44
N PHE A 37 13.33 -17.72 -1.27
CA PHE A 37 13.35 -16.53 -0.40
C PHE A 37 13.58 -16.91 1.06
N GLY A 38 13.12 -18.08 1.47
CA GLY A 38 13.24 -18.49 2.85
C GLY A 38 12.13 -18.01 3.75
N GLY A 39 10.97 -17.68 3.20
CA GLY A 39 9.86 -17.19 4.01
C GLY A 39 8.53 -17.47 3.35
N SER A 40 7.58 -16.58 3.58
CA SER A 40 6.24 -16.69 3.02
C SER A 40 5.97 -15.47 2.14
N ILE A 41 5.36 -15.72 0.99
CA ILE A 41 4.94 -14.68 0.06
C ILE A 41 3.43 -14.80 -0.11
N GLY A 42 2.74 -13.67 0.00
CA GLY A 42 1.31 -13.60 -0.17
C GLY A 42 0.99 -12.72 -1.34
N VAL A 43 0.17 -13.23 -2.26
CA VAL A 43 -0.12 -12.52 -3.51
C VAL A 43 -1.62 -12.61 -3.79
N TYR A 44 -2.21 -11.49 -4.18
CA TYR A 44 -3.54 -11.50 -4.79
C TYR A 44 -3.53 -10.50 -5.93
N ALA A 45 -3.98 -10.95 -7.10
CA ALA A 45 -4.01 -10.10 -8.29
C ALA A 45 -5.32 -10.32 -8.99
N MET A 46 -5.92 -9.21 -9.44
N MET A 46 -5.94 -9.21 -9.41
CA MET A 46 -7.24 -9.20 -10.03
CA MET A 46 -7.26 -9.19 -10.01
C MET A 46 -7.18 -8.53 -11.39
C MET A 46 -7.18 -8.53 -11.39
N ASP A 47 -7.64 -9.25 -12.42
CA ASP A 47 -7.86 -8.67 -13.74
C ASP A 47 -9.27 -8.05 -13.68
N THR A 48 -9.35 -6.73 -13.67
CA THR A 48 -10.65 -6.10 -13.48
C THR A 48 -11.54 -6.21 -14.70
N GLY A 49 -11.01 -6.68 -15.83
CA GLY A 49 -11.83 -6.90 -16.99
C GLY A 49 -12.66 -8.16 -16.86
N SER A 50 -11.98 -9.29 -16.71
CA SER A 50 -12.65 -10.59 -16.69
C SER A 50 -13.04 -11.04 -15.29
N GLY A 51 -12.40 -10.49 -14.26
CA GLY A 51 -12.55 -10.99 -12.92
C GLY A 51 -11.63 -12.14 -12.57
N ALA A 52 -10.76 -12.55 -13.50
CA ALA A 52 -9.82 -13.62 -13.17
C ALA A 52 -8.84 -13.15 -12.11
N THR A 53 -8.40 -14.10 -11.29
CA THR A 53 -7.52 -13.80 -10.18
C THR A 53 -6.37 -14.79 -10.09
N VAL A 54 -5.28 -14.32 -9.49
CA VAL A 54 -4.16 -15.13 -9.03
C VAL A 54 -4.08 -14.95 -7.53
N SER A 55 -3.94 -16.06 -6.81
N SER A 55 -4.04 -16.06 -6.79
CA SER A 55 -4.09 -16.06 -5.36
CA SER A 55 -4.08 -16.01 -5.34
C SER A 55 -3.14 -17.07 -4.75
C SER A 55 -3.15 -17.06 -4.74
N TYR A 56 -2.27 -16.61 -3.84
CA TYR A 56 -1.32 -17.49 -3.17
C TYR A 56 -1.12 -16.94 -1.77
N ARG A 57 -1.49 -17.74 -0.76
CA ARG A 57 -1.49 -17.28 0.63
C ARG A 57 -2.27 -15.96 0.79
N ALA A 58 -3.31 -15.79 -0.02
CA ALA A 58 -3.93 -14.48 -0.16
C ALA A 58 -4.75 -14.07 1.04
N GLU A 59 -5.19 -15.01 1.88
CA GLU A 59 -5.97 -14.68 3.05
C GLU A 59 -5.16 -14.77 4.33
N GLU A 60 -3.86 -15.00 4.24
CA GLU A 60 -3.02 -14.91 5.42
C GLU A 60 -2.75 -13.46 5.77
N ARG A 61 -2.50 -13.20 7.05
CA ARG A 61 -2.11 -11.87 7.51
C ARG A 61 -0.61 -11.65 7.36
N PHE A 62 -0.26 -10.44 6.93
CA PHE A 62 1.10 -9.96 6.85
C PHE A 62 1.17 -8.56 7.45
N PRO A 63 2.30 -8.18 8.04
CA PRO A 63 2.45 -6.80 8.52
C PRO A 63 2.24 -5.80 7.39
N LEU A 64 1.48 -4.75 7.69
CA LEU A 64 1.26 -3.69 6.73
C LEU A 64 2.53 -2.87 6.52
N CYS A 65 3.31 -2.66 7.58
CA CYS A 65 4.41 -1.69 7.55
C CYS A 65 3.85 -0.38 6.99
N SER A 66 4.62 0.32 6.14
CA SER A 66 4.17 1.62 5.67
C SER A 66 3.03 1.55 4.66
N SER A 67 2.62 0.34 4.23
CA SER A 67 1.58 0.29 3.22
C SER A 67 0.25 0.81 3.73
N PHE A 68 0.07 0.94 5.05
CA PHE A 68 -1.15 1.56 5.53
C PHE A 68 -1.32 2.99 5.03
N LYS A 69 -0.22 3.65 4.65
CA LYS A 69 -0.26 5.07 4.33
C LYS A 69 -1.07 5.37 3.06
N GLY A 70 -1.11 4.44 2.11
CA GLY A 70 -1.97 4.64 0.95
C GLY A 70 -3.43 4.74 1.36
N PHE A 71 -3.87 3.80 2.20
CA PHE A 71 -5.24 3.82 2.67
C PHE A 71 -5.51 5.05 3.54
N LEU A 72 -4.52 5.49 4.33
CA LEU A 72 -4.64 6.73 5.08
C LEU A 72 -4.90 7.91 4.17
N ALA A 73 -4.14 8.02 3.08
CA ALA A 73 -4.37 9.13 2.15
C ALA A 73 -5.77 9.03 1.54
N ALA A 74 -6.23 7.82 1.24
CA ALA A 74 -7.59 7.66 0.71
C ALA A 74 -8.63 8.09 1.74
N ALA A 75 -8.40 7.77 3.02
CA ALA A 75 -9.33 8.19 4.06
C ALA A 75 -9.37 9.70 4.19
N VAL A 76 -8.22 10.36 4.10
CA VAL A 76 -8.18 11.82 4.07
C VAL A 76 -9.00 12.35 2.91
N LEU A 77 -8.81 11.77 1.71
CA LEU A 77 -9.58 12.22 0.54
C LEU A 77 -11.07 12.01 0.75
N ALA A 78 -11.46 10.87 1.31
CA ALA A 78 -12.86 10.63 1.58
C ALA A 78 -13.43 11.70 2.50
N ARG A 79 -12.69 12.03 3.54
CA ARG A 79 -13.14 13.09 4.45
C ARG A 79 -13.26 14.42 3.72
N SER A 80 -12.34 14.70 2.79
CA SER A 80 -12.37 15.98 2.07
C SER A 80 -13.63 16.13 1.21
N GLN A 81 -14.33 15.03 0.91
CA GLN A 81 -15.59 15.14 0.19
C GLN A 81 -16.63 15.92 0.98
N GLN A 82 -16.61 15.77 2.31
CA GLN A 82 -17.48 16.51 3.20
C GLN A 82 -16.84 17.77 3.77
N GLN A 83 -15.51 17.75 3.94
CA GLN A 83 -14.77 18.91 4.46
C GLN A 83 -14.04 19.57 3.30
N ALA A 84 -14.68 20.56 2.67
CA ALA A 84 -14.09 21.15 1.47
C ALA A 84 -12.74 21.81 1.73
N GLY A 85 -12.48 22.23 2.97
CA GLY A 85 -11.23 22.90 3.25
C GLY A 85 -10.10 22.02 3.74
N LEU A 86 -10.32 20.71 3.81
CA LEU A 86 -9.39 19.84 4.52
C LEU A 86 -8.02 19.82 3.85
N LEU A 87 -7.98 19.60 2.53
CA LEU A 87 -6.69 19.36 1.88
C LEU A 87 -5.75 20.55 1.98
N ASP A 88 -6.28 21.78 1.93
N ASP A 88 -6.28 21.77 1.96
CA ASP A 88 -5.44 22.97 1.98
CA ASP A 88 -5.41 22.94 2.00
C ASP A 88 -5.20 23.48 3.40
C ASP A 88 -5.23 23.49 3.41
N THR A 89 -5.66 22.76 4.42
CA THR A 89 -5.45 23.18 5.79
C THR A 89 -3.96 23.10 6.14
N PRO A 90 -3.36 24.17 6.68
CA PRO A 90 -1.96 24.11 7.09
C PRO A 90 -1.80 23.41 8.43
N ILE A 91 -0.79 22.53 8.50
CA ILE A 91 -0.46 21.78 9.70
C ILE A 91 0.94 22.19 10.14
N ARG A 92 1.05 22.73 11.34
N ARG A 92 1.07 22.73 11.34
N ARG A 92 1.05 22.72 11.34
CA ARG A 92 2.34 23.03 11.95
CA ARG A 92 2.38 23.03 11.90
CA ARG A 92 2.34 23.02 11.95
C ARG A 92 2.67 21.92 12.94
C ARG A 92 2.70 22.04 13.01
C ARG A 92 2.67 21.91 12.94
N TYR A 93 3.96 21.64 13.10
CA TYR A 93 4.40 20.55 13.94
C TYR A 93 5.74 20.89 14.56
N GLY A 94 6.03 20.25 15.67
CA GLY A 94 7.27 20.47 16.38
C GLY A 94 8.30 19.44 16.02
N LYS A 95 9.51 19.67 16.52
CA LYS A 95 10.60 18.74 16.25
C LYS A 95 10.28 17.36 16.79
N ASN A 96 9.49 17.26 17.86
CA ASN A 96 9.11 15.97 18.43
C ASN A 96 8.27 15.12 17.47
N ALA A 97 7.70 15.72 16.42
CA ALA A 97 6.95 14.96 15.44
C ALA A 97 7.86 14.26 14.44
N LEU A 98 9.11 14.72 14.31
CA LEU A 98 10.02 14.16 13.33
C LEU A 98 10.62 12.88 13.87
N VAL A 99 10.48 11.81 13.11
CA VAL A 99 10.98 10.50 13.46
C VAL A 99 11.85 10.01 12.31
N ARG A 100 12.53 8.90 12.53
CA ARG A 100 13.39 8.33 11.49
C ARG A 100 12.62 8.22 10.17
N TRP A 101 13.30 8.61 9.10
CA TRP A 101 12.79 8.60 7.73
C TRP A 101 11.56 9.50 7.55
N SER A 102 11.84 10.80 7.62
CA SER A 102 10.85 11.86 7.39
C SER A 102 11.45 12.84 6.40
N PRO A 103 11.74 12.37 5.17
CA PRO A 103 12.58 13.16 4.24
C PRO A 103 11.93 14.43 3.74
N ILE A 104 10.61 14.50 3.67
CA ILE A 104 9.92 15.72 3.25
C ILE A 104 9.58 16.59 4.45
N SER A 105 8.94 16.02 5.46
N SER A 105 8.93 15.98 5.44
CA SER A 105 8.47 16.84 6.57
CA SER A 105 8.48 16.72 6.62
C SER A 105 9.62 17.50 7.33
C SER A 105 9.62 17.51 7.25
N GLU A 106 10.81 16.91 7.32
CA GLU A 106 11.93 17.58 7.99
C GLU A 106 12.31 18.88 7.30
N LYS A 107 12.02 19.02 6.01
N LYS A 107 12.03 19.01 6.01
CA LYS A 107 12.36 20.21 5.25
CA LYS A 107 12.38 20.22 5.27
C LYS A 107 11.35 21.33 5.39
C LYS A 107 11.38 21.36 5.49
N TYR A 108 10.21 21.07 6.07
CA TYR A 108 9.17 22.05 6.29
C TYR A 108 8.83 22.18 7.78
N LEU A 109 9.73 21.69 8.65
CA LEU A 109 9.52 21.83 10.09
C LEU A 109 9.23 23.28 10.46
N THR A 110 9.97 24.22 9.89
CA THR A 110 9.88 25.61 10.28
C THR A 110 8.77 26.37 9.57
N THR A 111 8.05 25.73 8.67
CA THR A 111 7.01 26.39 7.90
C THR A 111 5.63 25.77 8.04
N GLY A 112 5.56 24.47 8.34
CA GLY A 112 4.33 23.72 8.21
C GLY A 112 4.15 23.20 6.80
N MET A 113 3.19 22.28 6.65
CA MET A 113 2.79 21.73 5.36
C MET A 113 1.28 21.60 5.35
N THR A 114 0.69 21.57 4.16
CA THR A 114 -0.76 21.33 4.15
C THR A 114 -1.07 19.84 4.29
N VAL A 115 -2.34 19.57 4.61
CA VAL A 115 -2.81 18.18 4.66
C VAL A 115 -2.52 17.46 3.36
N ALA A 116 -2.77 18.11 2.23
CA ALA A 116 -2.50 17.45 0.94
C ALA A 116 -1.02 17.16 0.78
N GLU A 117 -0.17 18.11 1.19
CA GLU A 117 1.27 17.88 1.08
C GLU A 117 1.72 16.74 1.98
N LEU A 118 1.18 16.68 3.19
CA LEU A 118 1.51 15.57 4.09
C LEU A 118 1.09 14.24 3.48
N SER A 119 -0.09 14.22 2.85
CA SER A 119 -0.59 13.02 2.21
C SER A 119 0.32 12.57 1.08
N ALA A 120 0.71 13.51 0.22
CA ALA A 120 1.62 13.19 -0.87
C ALA A 120 2.95 12.69 -0.33
N ALA A 121 3.47 13.30 0.74
CA ALA A 121 4.75 12.88 1.27
C ALA A 121 4.65 11.46 1.85
N ALA A 122 3.56 11.18 2.59
CA ALA A 122 3.34 9.85 3.14
C ALA A 122 3.28 8.81 2.05
N VAL A 123 2.57 9.12 0.95
CA VAL A 123 2.39 8.14 -0.13
C VAL A 123 3.66 8.00 -0.96
N GLN A 124 4.30 9.12 -1.31
CA GLN A 124 5.29 9.11 -2.38
C GLN A 124 6.74 9.01 -1.89
N TYR A 125 7.00 9.30 -0.62
CA TYR A 125 8.32 9.16 -0.02
C TYR A 125 8.27 8.28 1.22
N SER A 126 7.10 7.72 1.52
CA SER A 126 6.87 6.98 2.75
C SER A 126 7.36 7.76 3.96
N ASP A 127 7.07 9.06 3.97
CA ASP A 127 7.45 9.93 5.09
C ASP A 127 6.74 9.48 6.36
N ASN A 128 7.52 9.11 7.37
CA ASN A 128 6.94 8.55 8.59
C ASN A 128 6.26 9.64 9.43
N ALA A 129 6.91 10.79 9.62
CA ALA A 129 6.28 11.84 10.42
C ALA A 129 4.99 12.31 9.78
N ALA A 130 4.98 12.46 8.46
CA ALA A 130 3.76 12.91 7.78
C ALA A 130 2.61 11.94 8.04
N ALA A 131 2.91 10.64 7.99
CA ALA A 131 1.86 9.65 8.24
C ALA A 131 1.30 9.79 9.64
N ASN A 132 2.17 9.97 10.65
N ASN A 132 2.14 9.98 10.65
CA ASN A 132 1.70 10.09 12.03
CA ASN A 132 1.55 10.04 11.98
C ASN A 132 0.80 11.31 12.19
C ASN A 132 0.75 11.32 12.19
N LEU A 133 1.19 12.44 11.61
CA LEU A 133 0.38 13.66 11.69
C LEU A 133 -0.99 13.44 11.08
N LEU A 134 -1.06 12.76 9.93
CA LEU A 134 -2.35 12.51 9.30
C LEU A 134 -3.19 11.54 10.12
N LEU A 135 -2.54 10.54 10.71
CA LEU A 135 -3.29 9.59 11.54
C LEU A 135 -3.98 10.31 12.68
N LYS A 136 -3.30 11.29 13.27
CA LYS A 136 -3.91 12.10 14.32
C LYS A 136 -5.18 12.76 13.80
N GLU A 137 -5.11 13.36 12.61
CA GLU A 137 -6.27 14.06 12.07
C GLU A 137 -7.47 13.14 11.91
N LEU A 138 -7.24 11.86 11.64
CA LEU A 138 -8.30 10.90 11.38
C LEU A 138 -8.82 10.22 12.64
N GLY A 139 -8.26 10.51 13.80
CA GLY A 139 -8.66 9.80 15.00
C GLY A 139 -7.87 8.54 15.25
N GLY A 140 -6.66 8.46 14.73
CA GLY A 140 -5.75 7.41 15.10
C GLY A 140 -6.00 6.12 14.36
N PRO A 141 -5.31 5.07 14.80
CA PRO A 141 -5.46 3.75 14.13
C PRO A 141 -6.90 3.26 14.07
N ALA A 142 -7.70 3.51 15.12
CA ALA A 142 -9.09 3.08 15.06
C ALA A 142 -9.88 3.86 14.01
N GLY A 143 -9.54 5.13 13.82
CA GLY A 143 -10.21 5.91 12.79
C GLY A 143 -9.90 5.41 11.39
N LEU A 144 -8.64 5.10 11.12
CA LEU A 144 -8.32 4.52 9.81
C LEU A 144 -9.00 3.16 9.63
N THR A 145 -8.95 2.32 10.67
CA THR A 145 -9.63 1.03 10.61
C THR A 145 -11.11 1.20 10.31
N ALA A 146 -11.75 2.18 10.97
CA ALA A 146 -13.16 2.48 10.71
C ALA A 146 -13.39 2.85 9.25
N PHE A 147 -12.50 3.66 8.66
CA PHE A 147 -12.66 3.98 7.24
C PHE A 147 -12.65 2.70 6.41
N MET A 148 -11.70 1.80 6.71
CA MET A 148 -11.62 0.56 5.94
C MET A 148 -12.87 -0.28 6.14
N ARG A 149 -13.42 -0.34 7.35
CA ARG A 149 -14.69 -1.03 7.54
C ARG A 149 -15.78 -0.40 6.69
N SER A 150 -15.74 0.92 6.53
CA SER A 150 -16.81 1.63 5.82
C SER A 150 -16.84 1.29 4.33
N ILE A 151 -15.74 0.79 3.77
CA ILE A 151 -15.70 0.37 2.37
C ILE A 151 -15.84 -1.13 2.23
N GLY A 152 -16.11 -1.84 3.34
CA GLY A 152 -16.33 -3.27 3.29
C GLY A 152 -15.15 -4.15 3.61
N ASP A 153 -14.05 -3.59 4.10
CA ASP A 153 -12.85 -4.36 4.42
C ASP A 153 -12.92 -4.74 5.88
N THR A 154 -13.14 -6.03 6.14
CA THR A 154 -13.27 -6.56 7.50
C THR A 154 -11.97 -7.19 7.99
N THR A 155 -10.91 -7.13 7.19
CA THR A 155 -9.64 -7.76 7.51
C THR A 155 -8.63 -6.78 8.07
N PHE A 156 -8.52 -5.61 7.44
CA PHE A 156 -7.54 -4.60 7.81
C PHE A 156 -7.64 -4.27 9.29
N ARG A 157 -6.49 -4.19 9.95
CA ARG A 157 -6.46 -3.64 11.30
C ARG A 157 -5.18 -2.85 11.49
N LEU A 158 -5.35 -1.58 11.86
CA LEU A 158 -4.27 -0.75 12.35
C LEU A 158 -4.51 -0.58 13.83
N ASP A 159 -3.49 -0.82 14.62
CA ASP A 159 -3.59 -0.88 16.07
C ASP A 159 -2.73 0.14 16.76
N ARG A 160 -1.59 0.51 16.20
CA ARG A 160 -0.62 1.34 16.90
C ARG A 160 -0.47 2.67 16.18
N TRP A 161 -0.17 3.69 16.97
CA TRP A 161 0.36 4.92 16.42
C TRP A 161 1.74 4.64 15.83
N GLN A 162 2.21 5.57 15.00
CA GLN A 162 3.32 5.26 14.09
C GLN A 162 4.50 6.21 14.28
N LEU A 163 4.66 6.72 15.50
CA LEU A 163 5.88 7.46 15.86
C LEU A 163 6.98 6.49 16.23
N GLU A 164 6.67 5.52 17.08
CA GLU A 164 7.61 4.53 17.59
C GLU A 164 7.79 3.40 16.59
N LEU A 165 8.94 2.72 16.70
CA LEU A 165 9.36 1.72 15.72
C LEU A 165 8.71 0.38 16.08
N ASN A 166 7.43 0.27 15.74
CA ASN A 166 6.64 -0.89 16.13
C ASN A 166 7.23 -2.18 15.55
N SER A 167 7.32 -3.19 16.41
N SER A 167 7.39 -3.19 16.40
CA SER A 167 7.76 -4.52 16.02
CA SER A 167 7.91 -4.45 15.89
C SER A 167 6.81 -5.11 14.99
C SER A 167 6.84 -5.19 15.09
N ALA A 168 7.30 -6.14 14.27
CA ALA A 168 6.50 -6.88 13.30
C ALA A 168 6.86 -8.38 13.43
N ILE A 169 6.62 -8.93 14.61
CA ILE A 169 7.11 -10.27 14.94
C ILE A 169 6.08 -11.31 14.53
N PRO A 170 6.49 -12.53 14.23
CA PRO A 170 5.56 -13.49 13.64
C PRO A 170 4.43 -13.85 14.60
N GLY A 171 3.22 -13.89 14.05
CA GLY A 171 2.05 -14.26 14.80
C GLY A 171 1.34 -13.11 15.48
N ASP A 172 1.90 -11.91 15.42
CA ASP A 172 1.25 -10.73 15.98
C ASP A 172 0.33 -10.16 14.91
N ALA A 173 -0.97 -10.22 15.14
CA ALA A 173 -1.95 -9.74 14.18
C ALA A 173 -2.10 -8.22 14.19
N ARG A 174 -1.51 -7.52 15.15
CA ARG A 174 -1.63 -6.07 15.14
C ARG A 174 -0.98 -5.48 13.88
N ASP A 175 -1.63 -4.46 13.32
CA ASP A 175 -1.09 -3.74 12.16
C ASP A 175 -0.87 -4.66 10.95
N THR A 176 -1.87 -5.47 10.63
CA THR A 176 -1.80 -6.41 9.53
C THR A 176 -3.05 -6.33 8.66
N SER A 177 -2.91 -6.84 7.45
CA SER A 177 -4.05 -7.19 6.64
C SER A 177 -3.66 -8.39 5.78
N SER A 178 -4.53 -8.76 4.85
CA SER A 178 -4.20 -9.84 3.91
C SER A 178 -3.97 -9.27 2.52
N PRO A 179 -3.22 -9.97 1.67
CA PRO A 179 -3.08 -9.50 0.28
C PRO A 179 -4.42 -9.34 -0.41
N ARG A 180 -5.34 -10.28 -0.19
CA ARG A 180 -6.65 -10.18 -0.83
C ARG A 180 -7.40 -8.93 -0.39
N ALA A 181 -7.47 -8.66 0.92
CA ALA A 181 -8.23 -7.51 1.39
C ALA A 181 -7.59 -6.20 0.91
N VAL A 182 -6.26 -6.15 0.92
CA VAL A 182 -5.55 -4.99 0.37
C VAL A 182 -5.94 -4.75 -1.08
N THR A 183 -5.92 -5.79 -1.89
CA THR A 183 -6.24 -5.65 -3.31
C THR A 183 -7.68 -5.24 -3.51
N GLU A 184 -8.60 -5.90 -2.79
CA GLU A 184 -10.00 -5.56 -2.92
C GLU A 184 -10.27 -4.12 -2.52
N SER A 185 -9.67 -3.66 -1.42
CA SER A 185 -9.85 -2.28 -0.98
C SER A 185 -9.22 -1.30 -1.97
N LEU A 186 -8.03 -1.62 -2.47
CA LEU A 186 -7.38 -0.75 -3.43
C LEU A 186 -8.23 -0.62 -4.69
N GLN A 187 -8.82 -1.72 -5.15
N GLN A 187 -8.83 -1.72 -5.14
CA GLN A 187 -9.68 -1.64 -6.32
CA GLN A 187 -9.69 -1.66 -6.31
C GLN A 187 -10.85 -0.69 -6.07
C GLN A 187 -10.88 -0.74 -6.08
N LYS A 188 -11.52 -0.84 -4.92
CA LYS A 188 -12.69 -0.02 -4.64
C LYS A 188 -12.33 1.46 -4.64
N LEU A 189 -11.15 1.79 -4.12
CA LEU A 189 -10.74 3.18 -3.96
C LEU A 189 -10.18 3.80 -5.23
N THR A 190 -9.49 3.03 -6.07
CA THR A 190 -8.89 3.59 -7.27
C THR A 190 -9.75 3.43 -8.52
N LEU A 191 -10.61 2.42 -8.57
CA LEU A 191 -11.35 2.12 -9.81
C LEU A 191 -12.85 2.05 -9.55
N GLY A 192 -13.23 1.66 -8.34
CA GLY A 192 -14.62 1.54 -7.96
C GLY A 192 -15.21 2.85 -7.50
N SER A 193 -16.24 2.75 -6.66
CA SER A 193 -17.05 3.91 -6.29
C SER A 193 -16.83 4.37 -4.85
N ALA A 194 -15.79 3.87 -4.17
CA ALA A 194 -15.62 4.24 -2.76
C ALA A 194 -15.25 5.71 -2.59
N LEU A 195 -14.61 6.33 -3.58
CA LEU A 195 -14.32 7.75 -3.57
C LEU A 195 -15.05 8.42 -4.74
N ALA A 196 -15.43 9.68 -4.54
CA ALA A 196 -15.93 10.47 -5.65
C ALA A 196 -14.85 10.64 -6.70
N ALA A 197 -15.27 10.88 -7.94
CA ALA A 197 -14.34 10.89 -9.07
C ALA A 197 -13.14 11.81 -8.90
N PRO A 198 -13.30 13.06 -8.48
CA PRO A 198 -12.09 13.91 -8.33
C PRO A 198 -11.13 13.35 -7.30
N GLN A 199 -11.65 12.88 -6.18
CA GLN A 199 -10.81 12.32 -5.13
C GLN A 199 -10.19 11.01 -5.58
N ARG A 200 -10.93 10.20 -6.32
CA ARG A 200 -10.37 8.97 -6.88
C ARG A 200 -9.15 9.27 -7.74
N GLN A 201 -9.27 10.26 -8.63
CA GLN A 201 -8.15 10.56 -9.50
C GLN A 201 -6.98 11.14 -8.72
N GLN A 202 -7.25 11.90 -7.66
CA GLN A 202 -6.15 12.40 -6.84
C GLN A 202 -5.43 11.26 -6.13
N PHE A 203 -6.17 10.27 -5.63
CA PHE A 203 -5.54 9.11 -5.02
C PHE A 203 -4.66 8.39 -6.03
N VAL A 204 -5.21 8.15 -7.23
CA VAL A 204 -4.44 7.52 -8.30
C VAL A 204 -3.18 8.34 -8.59
N ASP A 205 -3.32 9.66 -8.70
CA ASP A 205 -2.16 10.50 -9.06
C ASP A 205 -1.09 10.42 -7.98
N TRP A 206 -1.49 10.40 -6.71
CA TRP A 206 -0.49 10.27 -5.66
C TRP A 206 0.24 8.93 -5.78
N LEU A 207 -0.51 7.84 -5.98
CA LEU A 207 0.13 6.53 -6.16
C LEU A 207 1.06 6.51 -7.36
N LYS A 208 0.62 7.12 -8.47
CA LYS A 208 1.45 7.13 -9.67
C LYS A 208 2.77 7.84 -9.44
N GLY A 209 2.79 8.85 -8.56
CA GLY A 209 3.99 9.59 -8.28
C GLY A 209 4.88 8.99 -7.22
N ASN A 210 4.57 7.79 -6.72
CA ASN A 210 5.41 7.20 -5.70
C ASN A 210 6.83 7.03 -6.21
N THR A 211 7.82 7.33 -5.34
CA THR A 211 9.23 7.23 -5.68
C THR A 211 9.92 6.03 -5.05
N THR A 212 9.26 5.30 -4.15
CA THR A 212 9.93 4.29 -3.35
C THR A 212 9.77 2.87 -3.89
N GLY A 213 9.07 2.67 -5.01
CA GLY A 213 8.72 1.34 -5.47
C GLY A 213 9.36 0.86 -6.76
N ASN A 214 10.46 1.50 -7.20
CA ASN A 214 11.00 1.21 -8.52
C ASN A 214 11.53 -0.20 -8.64
N HIS A 215 11.87 -0.84 -7.53
CA HIS A 215 12.43 -2.19 -7.54
C HIS A 215 11.44 -3.26 -7.15
N ARG A 216 10.17 -2.91 -7.01
CA ARG A 216 9.13 -3.84 -6.57
C ARG A 216 8.17 -4.12 -7.72
N ILE A 217 6.87 -3.92 -7.56
CA ILE A 217 5.93 -4.27 -8.63
C ILE A 217 6.30 -3.54 -9.92
N ARG A 218 6.73 -2.29 -9.82
CA ARG A 218 7.06 -1.52 -11.03
C ARG A 218 8.13 -2.20 -11.86
N ALA A 219 9.04 -2.93 -11.23
CA ALA A 219 10.11 -3.58 -11.99
C ALA A 219 9.58 -4.72 -12.86
N ALA A 220 8.36 -5.19 -12.60
CA ALA A 220 7.72 -6.21 -13.42
C ALA A 220 6.79 -5.62 -14.47
N VAL A 221 6.65 -4.30 -14.52
CA VAL A 221 5.63 -3.62 -15.32
C VAL A 221 6.35 -2.86 -16.44
N PRO A 222 6.02 -3.10 -17.71
CA PRO A 222 6.63 -2.34 -18.79
C PRO A 222 6.53 -0.83 -18.57
N ALA A 223 7.57 -0.12 -19.02
CA ALA A 223 7.64 1.33 -18.81
C ALA A 223 6.50 2.09 -19.49
N ASP A 224 5.91 1.54 -20.56
CA ASP A 224 4.85 2.24 -21.26
C ASP A 224 3.46 1.97 -20.68
N TRP A 225 3.38 1.29 -19.52
CA TRP A 225 2.12 1.15 -18.80
C TRP A 225 2.10 2.08 -17.59
N ALA A 226 0.96 2.68 -17.33
CA ALA A 226 0.80 3.48 -16.11
C ALA A 226 0.68 2.57 -14.88
N VAL A 227 1.21 3.06 -13.76
N VAL A 227 1.30 3.02 -13.78
CA VAL A 227 1.21 2.26 -12.54
CA VAL A 227 1.29 2.27 -12.52
C VAL A 227 1.31 3.19 -11.34
C VAL A 227 1.25 3.27 -11.37
N GLY A 228 0.50 2.90 -10.34
CA GLY A 228 0.62 3.57 -9.04
C GLY A 228 0.80 2.51 -7.98
N ASP A 229 1.61 2.82 -6.96
CA ASP A 229 1.87 1.83 -5.92
C ASP A 229 2.16 2.48 -4.58
N LYS A 230 2.08 1.68 -3.52
CA LYS A 230 2.59 2.07 -2.22
C LYS A 230 3.34 0.89 -1.61
N THR A 231 4.55 1.16 -1.14
CA THR A 231 5.42 0.17 -0.53
C THR A 231 5.30 0.12 0.99
N GLY A 232 5.82 -0.96 1.55
CA GLY A 232 6.06 -1.05 2.98
C GLY A 232 7.29 -1.90 3.25
N THR A 233 8.06 -1.55 4.27
CA THR A 233 9.22 -2.33 4.67
C THR A 233 9.34 -2.24 6.18
N CYS A 234 9.46 -3.38 6.84
CA CYS A 234 9.65 -3.42 8.28
C CYS A 234 11.04 -3.96 8.58
N GLY A 235 11.65 -3.46 9.65
CA GLY A 235 12.88 -4.03 10.12
C GLY A 235 12.64 -5.45 10.65
N GLY A 236 13.40 -6.41 10.15
CA GLY A 236 13.39 -7.75 10.68
C GLY A 236 12.37 -8.67 10.02
N TYR A 237 12.64 -9.95 10.15
CA TYR A 237 11.67 -10.99 9.76
C TYR A 237 11.30 -10.91 8.29
N GLY A 238 12.26 -10.51 7.45
CA GLY A 238 12.04 -10.56 6.00
C GLY A 238 10.74 -9.95 5.53
N THR A 239 10.37 -8.80 6.09
CA THR A 239 9.02 -8.27 5.94
C THR A 239 9.03 -7.01 5.07
N ALA A 240 8.44 -7.13 3.88
CA ALA A 240 8.30 -6.00 2.97
C ALA A 240 7.13 -6.30 2.03
N ASN A 241 6.64 -5.25 1.37
CA ASN A 241 5.42 -5.41 0.58
C ASN A 241 5.28 -4.26 -0.41
N ASP A 242 4.31 -4.41 -1.30
CA ASP A 242 3.95 -3.40 -2.28
C ASP A 242 2.55 -3.76 -2.77
N TYR A 243 1.74 -2.75 -3.04
CA TYR A 243 0.49 -2.95 -3.77
C TYR A 243 0.41 -1.90 -4.87
N ALA A 244 -0.33 -2.25 -5.92
CA ALA A 244 -0.33 -1.39 -7.09
C ALA A 244 -1.61 -1.57 -7.91
N VAL A 245 -1.94 -0.51 -8.63
N VAL A 245 -1.92 -0.51 -8.66
CA VAL A 245 -2.86 -0.57 -9.76
CA VAL A 245 -2.88 -0.55 -9.76
C VAL A 245 -2.01 -0.37 -10.99
C VAL A 245 -2.11 -0.28 -11.04
N VAL A 246 -2.25 -1.19 -12.00
CA VAL A 246 -1.48 -1.19 -13.24
C VAL A 246 -2.46 -1.07 -14.39
N TRP A 247 -2.15 -0.19 -15.35
CA TRP A 247 -2.99 0.02 -16.52
C TRP A 247 -2.25 -0.46 -17.76
N PRO A 248 -2.31 -1.76 -18.10
CA PRO A 248 -1.73 -2.19 -19.37
C PRO A 248 -2.47 -1.50 -20.51
N THR A 249 -1.75 -1.16 -21.57
CA THR A 249 -2.44 -0.48 -22.66
C THR A 249 -3.38 -1.45 -23.36
N GLY A 250 -4.54 -0.96 -23.74
CA GLY A 250 -5.46 -1.74 -24.54
C GLY A 250 -6.28 -2.78 -23.81
N ARG A 251 -6.21 -2.85 -22.49
CA ARG A 251 -7.03 -3.79 -21.73
C ARG A 251 -7.32 -3.19 -20.37
N ALA A 252 -8.13 -3.89 -19.58
CA ALA A 252 -8.57 -3.37 -18.31
C ALA A 252 -7.44 -3.38 -17.30
N PRO A 253 -7.51 -2.52 -16.29
CA PRO A 253 -6.45 -2.47 -15.29
C PRO A 253 -6.40 -3.72 -14.42
N ILE A 254 -5.21 -3.93 -13.87
N ILE A 254 -5.23 -3.90 -13.82
CA ILE A 254 -4.92 -5.01 -12.92
CA ILE A 254 -4.95 -5.02 -12.93
C ILE A 254 -4.69 -4.37 -11.57
C ILE A 254 -4.60 -4.44 -11.56
N VAL A 255 -5.16 -5.02 -10.51
CA VAL A 255 -4.90 -4.58 -9.14
C VAL A 255 -4.19 -5.73 -8.45
N LEU A 256 -3.10 -5.44 -7.73
CA LEU A 256 -2.40 -6.55 -7.09
C LEU A 256 -1.65 -6.12 -5.85
N ALA A 257 -1.39 -7.09 -4.99
CA ALA A 257 -0.69 -6.89 -3.73
C ALA A 257 0.27 -8.06 -3.54
N VAL A 258 1.49 -7.74 -3.09
CA VAL A 258 2.52 -8.73 -2.79
C VAL A 258 3.11 -8.39 -1.42
N TYR A 259 2.97 -9.32 -0.47
CA TYR A 259 3.45 -9.16 0.90
C TYR A 259 4.40 -10.30 1.21
N THR A 260 5.46 -10.00 1.97
CA THR A 260 6.36 -11.04 2.43
C THR A 260 6.59 -10.95 3.93
N ARG A 261 6.99 -12.08 4.49
CA ARG A 261 7.54 -12.18 5.84
C ARG A 261 8.37 -13.46 5.89
N ALA A 262 9.12 -13.61 6.98
CA ALA A 262 10.03 -14.74 7.10
C ALA A 262 10.10 -15.11 8.57
N PRO A 263 10.49 -16.34 8.90
CA PRO A 263 10.28 -16.84 10.27
C PRO A 263 11.25 -16.32 11.31
N ASN A 264 12.45 -15.86 10.91
CA ASN A 264 13.53 -15.58 11.83
C ASN A 264 13.92 -14.12 11.80
N LYS A 265 14.32 -13.62 12.97
CA LYS A 265 14.51 -12.17 13.16
C LYS A 265 15.45 -11.57 12.13
N ASP A 266 16.56 -12.25 11.82
CA ASP A 266 17.60 -11.67 10.98
C ASP A 266 17.38 -11.95 9.50
N ASP A 267 16.31 -12.65 9.14
CA ASP A 267 16.02 -12.91 7.74
C ASP A 267 15.84 -11.58 7.00
N LYS A 268 16.41 -11.50 5.80
CA LYS A 268 16.36 -10.27 5.02
C LYS A 268 15.11 -10.23 4.17
N HIS A 269 14.58 -9.03 3.97
CA HIS A 269 13.58 -8.88 2.93
C HIS A 269 14.29 -8.78 1.57
N SER A 270 13.49 -8.86 0.51
CA SER A 270 14.01 -8.85 -0.85
C SER A 270 13.06 -8.11 -1.78
N GLU A 271 13.55 -7.03 -2.38
CA GLU A 271 12.76 -6.36 -3.40
C GLU A 271 12.64 -7.22 -4.64
N ALA A 272 13.72 -7.95 -4.98
CA ALA A 272 13.71 -8.79 -6.16
C ALA A 272 12.63 -9.87 -6.06
N VAL A 273 12.41 -10.41 -4.86
CA VAL A 273 11.37 -11.42 -4.69
C VAL A 273 10.00 -10.81 -4.92
N ILE A 274 9.79 -9.56 -4.46
CA ILE A 274 8.52 -8.90 -4.71
C ILE A 274 8.28 -8.70 -6.20
N ALA A 275 9.31 -8.22 -6.90
CA ALA A 275 9.21 -8.05 -8.35
C ALA A 275 8.94 -9.37 -9.03
N ALA A 276 9.60 -10.43 -8.59
CA ALA A 276 9.42 -11.73 -9.23
C ALA A 276 8.00 -12.26 -9.00
N ALA A 277 7.48 -12.07 -7.79
CA ALA A 277 6.11 -12.49 -7.51
C ALA A 277 5.11 -11.71 -8.35
N ALA A 278 5.33 -10.40 -8.53
CA ALA A 278 4.47 -9.62 -9.41
C ALA A 278 4.51 -10.14 -10.84
N ARG A 279 5.70 -10.47 -11.33
N ARG A 279 5.69 -10.49 -11.32
CA ARG A 279 5.81 -11.06 -12.67
CA ARG A 279 5.80 -11.04 -12.67
C ARG A 279 4.97 -12.33 -12.78
C ARG A 279 5.01 -12.34 -12.80
N LEU A 280 5.09 -13.22 -11.79
CA LEU A 280 4.33 -14.46 -11.82
C LEU A 280 2.84 -14.18 -11.80
N ALA A 281 2.41 -13.17 -11.03
CA ALA A 281 0.99 -12.83 -10.99
C ALA A 281 0.49 -12.39 -12.36
N LEU A 282 1.25 -11.48 -13.00
CA LEU A 282 0.87 -11.03 -14.33
C LEU A 282 0.87 -12.19 -15.32
N GLU A 283 1.86 -13.05 -15.26
CA GLU A 283 1.88 -14.22 -16.14
C GLU A 283 0.69 -15.11 -15.88
N GLY A 284 0.32 -15.30 -14.61
CA GLY A 284 -0.83 -16.13 -14.29
C GLY A 284 -2.14 -15.56 -14.80
N LEU A 285 -2.20 -14.24 -14.94
CA LEU A 285 -3.37 -13.58 -15.53
C LEU A 285 -3.33 -13.53 -17.05
N GLY A 286 -2.26 -14.01 -17.67
CA GLY A 286 -2.17 -13.96 -19.12
C GLY A 286 -1.87 -12.58 -19.65
N VAL A 287 -1.30 -11.72 -18.82
CA VAL A 287 -0.98 -10.36 -19.21
C VAL A 287 0.42 -10.38 -19.79
N ASN A 288 0.54 -10.05 -21.07
CA ASN A 288 1.83 -10.02 -21.74
C ASN A 288 2.56 -8.75 -21.36
N GLY A 289 3.73 -8.89 -20.73
CA GLY A 289 4.46 -7.75 -20.23
C GLY A 289 5.94 -7.93 -20.43
C1 GOL B . -4.94 6.03 -15.75
C1 GOL B . -5.00 6.00 -15.71
O1 GOL B . -3.54 6.10 -15.81
O1 GOL B . -3.58 6.08 -15.79
C2 GOL B . -5.35 6.73 -14.44
C2 GOL B . -5.42 6.73 -14.42
O2 GOL B . -5.01 8.08 -14.45
O2 GOL B . -4.95 8.04 -14.38
C3 GOL B . -6.88 6.51 -14.28
C3 GOL B . -6.97 6.65 -14.37
O3 GOL B . -7.53 7.64 -14.80
O3 GOL B . -7.36 6.78 -13.01
H11 GOL B . -5.28 5.13 -15.74
H11 GOL B . -5.31 5.09 -15.69
H12 GOL B . -5.37 6.48 -16.49
H12 GOL B . -5.44 6.42 -16.47
HO1 GOL B . -3.29 5.41 -16.24
HO1 GOL B . -3.33 5.40 -16.25
H2 GOL B . -4.88 6.33 -13.69
H2 GOL B . -5.03 6.28 -13.65
HO2 GOL B . -4.97 8.33 -15.26
HO2 GOL B . -5.11 8.40 -15.13
H31 GOL B . -7.07 6.35 -13.35
H31 GOL B . -7.25 5.81 -14.78
H32 GOL B . -7.11 5.68 -14.74
H32 GOL B . -7.33 7.35 -14.94
HO3 GOL B . -6.94 8.14 -15.13
HO3 GOL B . -8.10 7.20 -12.99
C1 GOL C . 3.63 -2.53 21.74
O1 GOL C . 3.78 -1.89 20.49
C2 GOL C . 4.32 -3.89 21.62
O2 GOL C . 5.67 -3.81 21.88
C3 GOL C . 3.60 -4.82 22.63
O3 GOL C . 3.49 -4.12 23.83
H11 GOL C . 2.70 -2.66 21.98
H12 GOL C . 4.02 -2.03 22.48
HO1 GOL C . 4.61 -1.72 20.40
H2 GOL C . 4.22 -4.22 20.71
HO2 GOL C . 5.79 -3.89 22.72
H31 GOL C . 4.10 -5.64 22.71
H32 GOL C . 2.74 -5.08 22.26
HO3 GOL C . 3.15 -4.66 24.39
C1 GOL D . -0.92 -19.59 -9.86
O1 GOL D . -2.01 -18.75 -10.17
C2 GOL D . -1.23 -20.53 -8.68
O2 GOL D . -1.35 -19.92 -7.43
C3 GOL D . -0.06 -21.53 -8.67
O3 GOL D . 0.15 -22.08 -7.38
H11 GOL D . -0.68 -20.15 -10.62
H12 GOL D . -0.13 -19.10 -9.63
HO1 GOL D . -1.69 -18.09 -10.63
H2 GOL D . -2.11 -20.93 -8.84
HO2 GOL D . -1.34 -20.55 -6.83
H31 GOL D . 0.72 -21.06 -9.00
H32 GOL D . -0.26 -22.21 -9.33
HO3 GOL D . 0.85 -21.70 -7.04
C1 GOL E . -1.71 -5.12 -23.12
O1 GOL E . -0.70 -4.12 -22.94
C2 GOL E . -1.17 -6.47 -22.59
O2 GOL E . 0.16 -6.67 -22.92
C3 GOL E . -2.06 -7.53 -23.26
O3 GOL E . -1.90 -8.72 -22.50
H11 GOL E . -1.96 -5.23 -24.05
H12 GOL E . -2.52 -4.90 -22.64
HO1 GOL E . -0.95 -3.44 -23.38
H2 GOL E . -1.23 -6.49 -21.62
HO2 GOL E . 0.26 -6.44 -23.74
H31 GOL E . -1.80 -7.64 -24.18
H32 GOL E . -2.98 -7.22 -23.29
HO3 GOL E . -2.00 -9.37 -23.04
S1 CAZ F . 10.96 3.75 5.87
S1 CAZ F . 10.99 3.67 5.92
C2 CAZ F . 11.61 2.21 5.17
C2 CAZ F . 11.63 2.18 5.17
C3 CAZ F . 11.08 1.89 3.78
C3 CAZ F . 11.10 1.92 3.78
C3' CAZ F . 11.99 1.45 2.87
C3' CAZ F . 12.01 1.45 2.88
C4 CAZ F . 9.52 2.32 3.57
C4 CAZ F . 9.50 2.30 3.59
C4' CAZ F . 8.83 1.75 2.24
C4' CAZ F . 8.84 1.71 2.17
O4A CAZ F . 7.91 2.47 1.89
O4A CAZ F . 7.91 2.42 1.78
O4B CAZ F . 9.25 0.69 1.74
O4B CAZ F . 9.28 0.66 1.69
N5 CAZ F . 8.77 2.99 4.37
N5 CAZ F . 8.81 3.11 4.32
C6 CAZ F . 9.20 3.60 5.67
C6 CAZ F . 9.22 3.67 5.67
C7 CAZ F . 8.53 2.77 6.79
C7 CAZ F . 8.45 2.87 6.78
C8 CAZ F . 7.24 2.03 6.17
C8 CAZ F . 7.11 2.18 6.20
O9 CAZ F . 7.29 0.84 5.84
O9 CAZ F . 7.11 0.99 5.88
N10 CAZ F . 9.28 1.68 7.35
N10 CAZ F . 9.15 1.72 7.37
C11 CAZ F . 9.93 1.80 8.56
C11 CAZ F . 9.85 1.83 8.57
O12 CAZ F . 9.92 2.88 9.18
O12 CAZ F . 9.93 2.90 9.18
C13 CAZ F . 10.55 0.54 9.24
C13 CAZ F . 10.46 0.55 9.27
N16 CAZ F . 11.76 0.19 8.96
N16 CAZ F . 11.69 0.17 9.02
O17 CAZ F . 12.49 0.89 8.11
O17 CAZ F . 12.48 0.84 8.19
C18 CAZ F . 13.66 0.18 7.68
C18 CAZ F . 13.65 0.08 7.84
C14 CAZ F . 9.54 -0.14 10.17
C14 CAZ F . 9.46 -0.13 10.18
C15 CAZ F . 8.22 0.25 10.31
C15 CAZ F . 8.15 0.23 10.35
S16 CAZ F . 7.45 -0.83 11.50
S16 CAZ F . 7.39 -0.88 11.51
C17 CAZ F . 8.97 -1.82 11.71
C17 CAZ F . 8.94 -1.84 11.73
N18 CAZ F . 9.11 -2.96 12.56
N18 CAZ F . 9.09 -2.98 12.57
N19 CAZ F . 9.92 -1.30 10.94
N19 CAZ F . 9.88 -1.29 10.95
C19 CAZ F . 13.19 -1.08 6.89
C19 CAZ F . 14.40 -0.37 9.12
C20 CAZ F . 14.50 1.12 6.82
C20 CAZ F . 13.21 -1.13 7.00
C21 CAZ F . 14.50 -0.25 9.01
C21 CAZ F . 14.53 1.11 6.95
O2A CAZ F . 15.35 -1.16 8.85
O2A CAZ F . 15.36 0.60 6.17
O2B CAZ F . 14.25 0.38 10.04
O2B CAZ F . 14.27 2.31 7.13
HC21 CAZ F . 11.39 1.53 5.82
HC21 CAZ F . 11.43 1.47 5.79
HC22 CAZ F . 12.57 2.32 5.19
HC22 CAZ F . 12.61 2.29 5.19
HC31 CAZ F . 12.91 1.48 2.99
HC31 CAZ F . 12.94 1.51 2.98
HC32 CAZ F . 11.75 1.08 2.05
HC32 CAZ F . 11.77 1.04 2.08
HC6 CAZ F . 9.10 4.55 5.81
HC6 CAZ F . 9.17 4.62 5.84
HC7 CAZ F . 8.39 3.42 7.49
HC7 CAZ F . 8.31 3.56 7.45
H10N CAZ F . 9.29 0.95 6.89
H10N CAZ F . 9.08 0.98 6.94
H15C CAZ F . 7.73 0.93 9.91
H15C CAZ F . 7.65 0.92 9.97
H181 CAZ F . 8.51 -3.57 12.71
H181 CAZ F . 8.51 -3.59 12.72
H182 CAZ F . 9.83 -3.13 13.00
H182 CAZ F . 9.82 -3.13 13.01
H191 CAZ F . 13.50 -1.05 5.97
H191 CAZ F . 14.36 -1.34 9.23
H192 CAZ F . 13.54 -1.89 7.30
H192 CAZ F . 15.34 -0.12 9.08
H193 CAZ F . 12.22 -1.14 6.86
H193 CAZ F . 14.02 0.03 9.91
H201 CAZ F . 14.70 0.74 5.96
H201 CAZ F . 13.55 -1.95 7.38
H202 CAZ F . 15.35 1.33 7.26
H202 CAZ F . 13.55 -1.05 6.09
H203 CAZ F . 14.04 1.96 6.67
H203 CAZ F . 12.25 -1.19 6.96
S SO4 G . 17.14 -6.84 -2.96
O1 SO4 G . 16.36 -7.30 -4.09
O2 SO4 G . 17.99 -7.94 -2.52
O3 SO4 G . 17.97 -5.69 -3.33
O4 SO4 G . 16.30 -6.40 -1.84
S SO4 H . 1.99 -24.13 4.57
O1 SO4 H . 2.82 -24.12 3.37
O2 SO4 H . 2.01 -25.48 5.14
O3 SO4 H . 2.52 -23.17 5.53
O4 SO4 H . 0.63 -23.77 4.20
S SO4 I . -12.47 -17.19 -4.24
O1 SO4 I . -13.41 -17.76 -3.28
O2 SO4 I . -12.51 -17.96 -5.48
O3 SO4 I . -11.13 -17.21 -3.68
O4 SO4 I . -12.88 -15.82 -4.53
S SO4 J . 0.57 -23.38 -0.22
O1 SO4 J . 1.76 -23.84 -0.93
O2 SO4 J . 0.00 -24.48 0.56
O3 SO4 J . 0.95 -22.28 0.67
O4 SO4 J . -0.43 -22.89 -1.17
S SO4 K . 6.20 19.53 -0.60
O1 SO4 K . 6.69 19.87 -1.94
O2 SO4 K . 5.25 18.42 -0.70
O3 SO4 K . 7.32 19.13 0.23
O4 SO4 K . 5.53 20.70 -0.01
#